data_4AQQ
#
_entry.id   4AQQ
#
_cell.length_a   342.701
_cell.length_b   342.701
_cell.length_c   342.701
_cell.angle_alpha   90.00
_cell.angle_beta   90.00
_cell.angle_gamma   90.00
#
_symmetry.space_group_name_H-M   'P 21 3'
#
loop_
_entity.id
_entity.type
_entity.pdbx_description
1 polymer 'L2 PROTEIN III (PENTON BASE)'
2 non-polymer 'CALCIUM ION'
#
_entity_poly.entity_id   1
_entity_poly.type   'polypeptide(L)'
_entity_poly.pdbx_seq_one_letter_code
;MRRRAVLGGAVVYPEGPPPSYESVMQQQAAMIQPPLEAPFVPPRYLAPTEGRNSIRYSELSPLYDTTKLYLVDNKSADIA
SLNYQNDHSNFLTTVVQNNDFTPTEASTQTINFDERSRWGGQLKTIMHTNMPNVNEYMFSNKFKARVMVSRKAPEGVTVN
DTYDHKEDILKYEWFEFILPEGNFSATMTIDLMNNAIIDNYLEIGRQNGVLESDIGVKFDTRNFRLGWDPETKLIMPGVY
TYEAFHPDIVLLPGCGVDFTESRLSNLLGIRKRHPFQEGFKIMYEDLEGGNIPALLDVTAYEESKKDTTTETTTKKELKI
QPLEKDSKSRSYNVLEDKINTAYRSWYLSYNYGNPEKGIRSWTLLTTSDVTCGAEQVYWSLPDMMQDPVTFRSTRQVNNY
PVVGAELMPVFSKSFYNEQAVYSQQLRQATSLTHVFNRFPENQILIRPPAPTITTVSENVPALTDHGTLPLRSSIRGVQR
VTVTDARRRTCPYVYKALGIVAPRVLSSR
;
_entity_poly.pdbx_strand_id   A
#
loop_
_chem_comp.id
_chem_comp.type
_chem_comp.name
_chem_comp.formula
CA non-polymer 'CALCIUM ION' 'Ca 2'
#
# COMPACT_ATOMS: atom_id res chain seq x y z
N PRO A 48 -77.33 19.96 -13.48
CA PRO A 48 -76.92 21.38 -13.36
C PRO A 48 -75.46 21.45 -13.84
N THR A 49 -74.84 20.27 -13.83
CA THR A 49 -73.45 19.99 -14.22
C THR A 49 -72.44 19.93 -13.06
N GLU A 50 -72.12 18.68 -12.77
CA GLU A 50 -71.20 18.21 -11.74
C GLU A 50 -70.55 17.15 -12.60
N GLY A 51 -69.38 16.63 -12.24
CA GLY A 51 -68.82 15.65 -13.15
C GLY A 51 -67.90 14.52 -12.77
N ARG A 52 -67.95 13.53 -13.65
CA ARG A 52 -67.14 12.32 -13.61
C ARG A 52 -66.81 12.16 -15.07
N ASN A 53 -66.59 13.32 -15.66
CA ASN A 53 -66.21 13.48 -17.04
C ASN A 53 -64.78 13.03 -17.06
N SER A 54 -64.44 12.01 -17.85
CA SER A 54 -63.07 11.59 -17.81
C SER A 54 -62.42 11.27 -19.11
N ILE A 55 -61.70 12.23 -19.65
CA ILE A 55 -61.05 11.93 -20.87
C ILE A 55 -59.78 11.18 -20.57
N ARG A 56 -59.68 9.95 -21.09
CA ARG A 56 -58.50 9.15 -20.84
C ARG A 56 -58.10 8.46 -22.11
N TYR A 57 -57.11 7.60 -22.01
CA TYR A 57 -56.61 6.81 -23.12
C TYR A 57 -55.19 6.36 -22.90
N SER A 58 -54.91 5.11 -23.27
CA SER A 58 -53.60 4.48 -23.12
C SER A 58 -52.74 5.23 -22.08
N GLU A 59 -51.66 5.89 -22.52
CA GLU A 59 -50.75 6.65 -21.66
C GLU A 59 -51.20 6.36 -20.22
N LEU A 60 -50.91 5.12 -19.80
CA LEU A 60 -51.24 4.64 -18.47
C LEU A 60 -51.20 5.59 -17.33
N SER A 61 -52.32 5.67 -16.62
CA SER A 61 -52.45 6.55 -15.46
C SER A 61 -51.14 6.75 -14.75
N PRO A 62 -50.64 8.02 -14.66
CA PRO A 62 -49.38 8.24 -13.97
C PRO A 62 -49.61 7.36 -12.73
N LEU A 63 -49.02 6.17 -12.76
CA LEU A 63 -49.24 5.23 -11.71
C LEU A 63 -48.59 5.27 -10.39
N TYR A 64 -49.31 4.70 -9.45
CA TYR A 64 -48.92 4.62 -8.07
C TYR A 64 -48.55 3.25 -7.53
N ASP A 65 -48.09 3.27 -6.29
CA ASP A 65 -47.69 2.08 -5.57
C ASP A 65 -46.28 1.58 -5.57
N THR A 66 -45.43 2.18 -6.39
CA THR A 66 -44.03 1.85 -6.49
C THR A 66 -43.60 1.59 -7.89
N THR A 67 -42.48 2.18 -8.21
CA THR A 67 -41.88 2.06 -9.49
C THR A 67 -40.40 2.15 -9.27
N LYS A 68 -39.65 2.01 -10.33
CA LYS A 68 -38.23 2.11 -10.20
C LYS A 68 -37.84 3.52 -10.53
N LEU A 69 -36.61 3.85 -10.23
CA LEU A 69 -36.10 5.15 -10.53
C LEU A 69 -34.76 4.81 -11.08
N TYR A 70 -34.57 5.06 -12.35
CA TYR A 70 -33.29 4.74 -12.92
C TYR A 70 -32.35 5.92 -12.75
N LEU A 71 -31.20 5.64 -12.15
CA LEU A 71 -30.23 6.66 -11.87
C LEU A 71 -28.97 6.34 -12.60
N VAL A 72 -28.88 6.82 -13.83
CA VAL A 72 -27.72 6.57 -14.67
C VAL A 72 -26.84 7.78 -14.66
N ASP A 73 -25.74 7.73 -15.40
CA ASP A 73 -24.87 8.87 -15.43
C ASP A 73 -24.21 9.01 -16.78
N ASN A 74 -24.33 7.99 -17.59
CA ASN A 74 -23.73 8.11 -18.88
C ASN A 74 -24.84 8.10 -19.89
N LYS A 75 -26.02 8.54 -19.48
CA LYS A 75 -27.12 8.61 -20.44
C LYS A 75 -26.62 9.74 -21.32
N SER A 76 -26.75 9.57 -22.64
CA SER A 76 -26.26 10.52 -23.66
C SER A 76 -26.39 12.04 -23.62
N ALA A 77 -27.54 12.58 -23.24
CA ALA A 77 -27.64 14.02 -23.23
C ALA A 77 -26.95 14.60 -22.02
N ASP A 78 -27.15 13.94 -20.90
CA ASP A 78 -26.60 14.37 -19.62
C ASP A 78 -25.18 14.83 -19.79
N ILE A 79 -24.33 13.89 -20.21
CA ILE A 79 -22.92 14.15 -20.45
C ILE A 79 -22.91 15.54 -21.00
N ALA A 80 -23.10 15.56 -22.32
CA ALA A 80 -23.13 16.77 -23.09
C ALA A 80 -23.36 18.03 -22.26
N SER A 81 -24.59 18.15 -21.77
CA SER A 81 -24.99 19.34 -21.04
C SER A 81 -24.53 19.53 -19.61
N LEU A 82 -24.18 18.48 -18.89
CA LEU A 82 -23.84 18.75 -17.49
C LEU A 82 -22.50 18.23 -17.09
N ASN A 83 -21.93 17.29 -17.82
CA ASN A 83 -20.67 16.91 -17.30
C ASN A 83 -19.30 17.10 -17.91
N TYR A 84 -19.14 18.31 -18.35
CA TYR A 84 -17.88 18.74 -18.88
C TYR A 84 -17.41 18.80 -17.42
N GLN A 85 -18.30 19.36 -16.58
CA GLN A 85 -17.98 19.52 -15.14
C GLN A 85 -16.87 18.69 -14.66
N ASN A 86 -17.21 17.53 -14.14
CA ASN A 86 -16.26 16.61 -13.63
C ASN A 86 -16.51 15.18 -14.07
N ASP A 87 -15.94 14.27 -13.32
CA ASP A 87 -15.89 12.81 -13.53
C ASP A 87 -17.10 11.89 -13.34
N HIS A 88 -16.90 10.89 -12.50
CA HIS A 88 -17.88 9.89 -12.18
C HIS A 88 -17.98 9.72 -10.70
N SER A 89 -17.32 10.56 -9.93
CA SER A 89 -17.42 10.41 -8.49
C SER A 89 -18.70 11.11 -8.14
N ASN A 90 -18.98 12.12 -8.95
CA ASN A 90 -20.18 12.89 -8.82
C ASN A 90 -20.33 13.38 -10.22
N PHE A 91 -21.55 13.70 -10.53
CA PHE A 91 -21.96 14.15 -11.82
C PHE A 91 -23.37 14.41 -11.41
N LEU A 92 -24.27 14.29 -12.36
CA LEU A 92 -25.67 14.51 -12.10
C LEU A 92 -26.34 13.85 -13.26
N THR A 93 -27.63 13.60 -13.11
CA THR A 93 -28.34 12.93 -14.15
C THR A 93 -29.78 13.24 -14.13
N THR A 94 -30.37 13.29 -15.31
CA THR A 94 -31.79 13.54 -15.40
C THR A 94 -32.31 12.21 -14.93
N VAL A 95 -33.45 12.21 -14.25
CA VAL A 95 -34.02 10.96 -13.79
C VAL A 95 -35.28 10.79 -14.60
N VAL A 96 -35.75 11.89 -15.12
CA VAL A 96 -36.93 11.89 -15.95
C VAL A 96 -36.44 11.17 -17.18
N GLN A 97 -37.06 10.06 -17.51
CA GLN A 97 -36.62 9.32 -18.67
C GLN A 97 -37.27 9.74 -19.98
N ASN A 98 -37.98 10.86 -19.99
CA ASN A 98 -38.60 11.27 -21.24
C ASN A 98 -37.58 11.91 -22.17
N ASN A 99 -37.59 11.45 -23.40
CA ASN A 99 -36.67 11.93 -24.42
C ASN A 99 -37.08 13.27 -25.02
N ASP A 100 -38.22 13.81 -24.62
CA ASP A 100 -38.61 15.07 -25.21
C ASP A 100 -38.11 16.18 -24.33
N PHE A 101 -37.01 15.91 -23.64
CA PHE A 101 -36.48 16.90 -22.73
C PHE A 101 -34.98 17.05 -22.57
N THR A 102 -34.51 18.29 -22.61
CA THR A 102 -33.11 18.54 -22.42
C THR A 102 -32.94 18.34 -20.94
N PRO A 103 -31.90 17.60 -20.54
CA PRO A 103 -31.77 17.44 -19.10
C PRO A 103 -32.24 18.71 -18.40
N THR A 104 -31.61 19.83 -18.72
CA THR A 104 -31.96 21.09 -18.09
C THR A 104 -33.46 21.27 -17.85
N GLU A 105 -34.19 21.52 -18.91
CA GLU A 105 -35.62 21.72 -18.77
C GLU A 105 -36.12 20.67 -17.80
N ALA A 106 -35.92 19.41 -18.14
CA ALA A 106 -36.35 18.35 -17.26
C ALA A 106 -36.05 18.75 -15.85
N SER A 107 -34.77 18.93 -15.56
CA SER A 107 -34.33 19.32 -14.23
C SER A 107 -35.49 19.94 -13.51
N THR A 108 -36.00 21.04 -14.04
CA THR A 108 -37.11 21.74 -13.40
C THR A 108 -38.29 20.87 -12.97
N GLN A 109 -38.95 20.22 -13.92
CA GLN A 109 -40.11 19.38 -13.63
C GLN A 109 -39.91 18.46 -12.44
N THR A 110 -41.01 17.93 -11.94
CA THR A 110 -40.87 17.09 -10.78
C THR A 110 -41.49 15.73 -10.80
N ILE A 111 -40.74 14.78 -10.24
CA ILE A 111 -41.20 13.43 -10.09
C ILE A 111 -41.99 13.67 -8.85
N ASN A 112 -43.25 13.29 -8.82
CA ASN A 112 -43.90 13.58 -7.58
C ASN A 112 -44.42 12.45 -6.77
N PHE A 113 -43.59 12.04 -5.82
CA PHE A 113 -43.92 10.97 -4.90
C PHE A 113 -44.95 11.52 -4.02
N ASP A 114 -45.99 10.78 -3.77
CA ASP A 114 -46.93 11.46 -2.97
C ASP A 114 -47.09 11.22 -1.54
N GLU A 115 -48.21 11.78 -1.11
CA GLU A 115 -48.54 11.85 0.23
C GLU A 115 -49.71 11.40 0.94
N ARG A 116 -49.95 12.23 1.95
CA ARG A 116 -50.94 11.99 2.95
C ARG A 116 -50.38 10.62 3.37
N SER A 117 -49.04 10.60 3.45
CA SER A 117 -48.22 9.43 3.82
C SER A 117 -46.87 9.53 3.13
N ARG A 118 -45.81 9.78 3.89
CA ARG A 118 -44.50 9.87 3.27
C ARG A 118 -43.98 8.46 3.07
N TRP A 119 -42.75 8.37 2.57
CA TRP A 119 -42.15 7.07 2.32
C TRP A 119 -40.66 7.14 2.01
N GLY A 120 -40.12 6.04 1.49
CA GLY A 120 -38.72 6.00 1.16
C GLY A 120 -38.48 5.02 0.05
N GLY A 121 -37.24 4.64 -0.17
CA GLY A 121 -36.94 3.70 -1.23
C GLY A 121 -35.84 2.73 -0.87
N GLN A 122 -35.67 1.74 -1.72
CA GLN A 122 -34.63 0.75 -1.53
C GLN A 122 -33.61 1.07 -2.58
N LEU A 123 -32.45 1.53 -2.13
CA LEU A 123 -31.45 1.87 -3.09
C LEU A 123 -30.39 0.82 -3.16
N LYS A 124 -30.39 0.17 -4.31
CA LYS A 124 -29.44 -0.87 -4.64
C LYS A 124 -28.48 -0.05 -5.48
N THR A 125 -27.33 -0.61 -5.82
CA THR A 125 -26.40 0.19 -6.57
C THR A 125 -25.23 -0.60 -7.12
N ILE A 126 -24.80 -0.22 -8.31
CA ILE A 126 -23.73 -0.87 -9.03
C ILE A 126 -22.57 0.08 -9.15
N MET A 127 -21.34 -0.39 -9.01
CA MET A 127 -20.20 0.52 -9.16
C MET A 127 -18.93 -0.20 -9.46
N HIS A 128 -18.09 0.39 -10.30
CA HIS A 128 -16.83 -0.27 -10.68
C HIS A 128 -15.71 0.72 -10.53
N THR A 129 -14.47 0.25 -10.40
CA THR A 129 -13.33 1.16 -10.29
C THR A 129 -12.05 0.57 -10.76
N ASN A 130 -11.13 1.45 -11.11
CA ASN A 130 -9.81 1.04 -11.56
C ASN A 130 -8.81 1.76 -10.72
N MET A 131 -8.41 1.07 -9.65
CA MET A 131 -7.45 1.58 -8.73
C MET A 131 -6.18 0.83 -8.91
N PRO A 132 -5.11 1.58 -9.03
CA PRO A 132 -3.80 1.00 -9.21
C PRO A 132 -3.24 0.92 -7.83
N ASN A 133 -3.07 -0.30 -7.39
CA ASN A 133 -2.54 -0.54 -6.09
C ASN A 133 -1.60 0.56 -5.58
N VAL A 134 -0.78 1.17 -6.43
CA VAL A 134 0.12 2.20 -5.91
C VAL A 134 -0.14 3.63 -6.29
N ASN A 135 -1.40 4.00 -6.46
CA ASN A 135 -1.69 5.38 -6.79
C ASN A 135 -1.10 6.27 -5.70
N GLU A 136 -1.02 7.58 -5.96
CA GLU A 136 -0.49 8.49 -4.96
C GLU A 136 -1.63 8.95 -4.08
N TYR A 137 -2.79 9.14 -4.70
CA TYR A 137 -3.98 9.57 -4.00
C TYR A 137 -4.29 8.73 -2.75
N MET A 138 -3.92 7.45 -2.78
CA MET A 138 -4.16 6.58 -1.62
C MET A 138 -2.87 6.46 -0.84
N PHE A 139 -1.90 7.25 -1.22
CA PHE A 139 -0.62 7.24 -0.53
C PHE A 139 -0.07 5.84 -0.51
N SER A 140 0.03 5.28 -1.69
CA SER A 140 0.60 3.96 -1.90
C SER A 140 1.57 4.47 -2.93
N ASN A 141 2.18 5.58 -2.56
CA ASN A 141 3.05 6.28 -3.45
C ASN A 141 4.29 6.85 -2.78
N LYS A 142 4.10 7.53 -1.66
CA LYS A 142 5.21 8.16 -0.95
C LYS A 142 5.73 7.36 0.23
N PHE A 143 6.53 8.02 1.05
CA PHE A 143 7.10 7.47 2.28
C PHE A 143 8.39 8.16 2.65
N LYS A 144 8.72 8.09 3.92
CA LYS A 144 9.91 8.75 4.40
C LYS A 144 10.88 7.72 4.96
N ALA A 145 12.14 8.12 5.07
CA ALA A 145 13.20 7.27 5.59
C ALA A 145 14.47 8.06 5.40
N ARG A 146 15.51 7.77 6.18
CA ARG A 146 16.73 8.52 6.00
C ARG A 146 17.92 7.63 5.79
N VAL A 147 18.75 8.06 4.84
CA VAL A 147 19.93 7.34 4.44
C VAL A 147 21.17 8.14 4.76
N MET A 148 22.31 7.51 4.48
CA MET A 148 23.60 8.11 4.66
C MET A 148 23.74 9.02 3.47
N VAL A 149 24.42 10.14 3.65
CA VAL A 149 24.56 11.10 2.58
C VAL A 149 25.96 11.70 2.54
N SER A 150 26.77 11.40 3.54
CA SER A 150 28.13 11.92 3.60
C SER A 150 29.10 11.07 4.40
N ARG A 151 30.35 11.04 3.94
CA ARG A 151 31.37 10.27 4.61
C ARG A 151 32.72 10.96 4.38
N LYS A 152 33.58 10.97 5.40
CA LYS A 152 34.90 11.60 5.32
C LYS A 152 35.80 11.20 6.51
N ALA A 153 36.43 12.23 7.07
CA ALA A 153 37.34 12.19 8.21
C ALA A 153 37.71 13.66 8.33
N PRO A 154 37.85 14.19 9.55
CA PRO A 154 38.21 15.62 9.64
C PRO A 154 39.47 16.17 8.93
N GLU A 155 39.31 16.50 7.66
CA GLU A 155 40.31 17.15 6.80
C GLU A 155 41.71 16.61 6.38
N GLY A 156 42.09 15.38 6.75
CA GLY A 156 43.40 14.82 6.36
C GLY A 156 43.31 13.34 5.97
N VAL A 157 43.40 13.04 4.68
CA VAL A 157 43.22 11.68 4.08
C VAL A 157 43.77 10.27 4.43
N THR A 158 45.01 10.05 4.91
CA THR A 158 45.36 8.62 5.08
C THR A 158 46.45 7.93 5.97
N VAL A 159 46.50 6.61 5.73
CA VAL A 159 47.36 5.52 6.26
C VAL A 159 47.18 4.82 7.61
N ASN A 160 47.44 5.52 8.72
CA ASN A 160 47.28 4.92 10.04
C ASN A 160 45.79 4.57 10.25
N ASP A 161 44.97 5.51 9.81
CA ASP A 161 43.53 5.43 9.86
C ASP A 161 43.13 5.35 8.39
N THR A 162 44.02 4.93 7.50
CA THR A 162 43.66 4.86 6.07
C THR A 162 42.38 4.03 5.89
N TYR A 163 42.19 3.05 6.78
CA TYR A 163 41.01 2.16 6.79
C TYR A 163 40.07 2.67 7.87
N ASP A 164 40.69 3.18 8.91
CA ASP A 164 40.03 3.73 10.07
C ASP A 164 39.52 5.16 9.85
N HIS A 165 40.18 5.91 8.97
CA HIS A 165 39.79 7.29 8.65
C HIS A 165 38.40 7.25 8.03
N LYS A 166 38.25 6.35 7.06
CA LYS A 166 36.98 6.17 6.39
C LYS A 166 35.89 5.97 7.44
N GLU A 167 36.26 5.34 8.55
CA GLU A 167 35.31 5.07 9.62
C GLU A 167 35.13 6.20 10.65
N ASP A 168 35.31 7.45 10.25
CA ASP A 168 35.15 8.51 11.25
C ASP A 168 34.13 9.65 11.08
N ILE A 169 33.49 9.80 9.93
CA ILE A 169 32.44 10.83 9.84
C ILE A 169 31.33 10.44 8.87
N LEU A 170 30.13 10.36 9.43
CA LEU A 170 28.93 9.98 8.68
C LEU A 170 27.90 11.09 8.73
N LYS A 171 27.02 11.14 7.73
CA LYS A 171 25.98 12.16 7.73
C LYS A 171 24.63 11.61 7.26
N TYR A 172 23.57 12.06 7.94
CA TYR A 172 22.23 11.59 7.65
C TYR A 172 21.19 12.64 7.37
N GLU A 173 20.21 12.29 6.53
CA GLU A 173 19.15 13.22 6.20
C GLU A 173 17.85 12.49 5.82
N TRP A 174 16.74 13.09 6.25
CA TRP A 174 15.39 12.57 6.00
C TRP A 174 14.92 12.84 4.58
N PHE A 175 14.35 11.81 3.94
CA PHE A 175 13.86 11.96 2.57
C PHE A 175 12.49 11.38 2.26
N GLU A 176 11.72 12.15 1.49
CA GLU A 176 10.41 11.73 1.05
C GLU A 176 10.60 11.35 -0.40
N PHE A 177 10.73 10.06 -0.68
CA PHE A 177 10.87 9.64 -2.05
C PHE A 177 9.62 8.88 -2.47
N ILE A 178 9.32 8.99 -3.75
CA ILE A 178 8.11 8.45 -4.32
C ILE A 178 8.24 7.38 -5.37
N LEU A 179 7.09 6.93 -5.83
CA LEU A 179 7.07 5.91 -6.82
C LEU A 179 6.27 6.23 -8.03
N PRO A 180 6.41 5.38 -9.04
CA PRO A 180 5.72 5.49 -10.33
C PRO A 180 4.36 4.81 -10.23
N GLU A 181 3.30 5.59 -10.08
CA GLU A 181 1.96 5.00 -9.96
C GLU A 181 1.78 3.80 -10.88
N GLY A 182 0.99 2.86 -10.40
CA GLY A 182 0.72 1.64 -11.14
C GLY A 182 0.19 0.73 -10.04
N ASN A 183 0.19 -0.57 -10.26
CA ASN A 183 -0.28 -1.48 -9.21
C ASN A 183 0.58 -2.71 -9.43
N PHE A 184 1.36 -3.07 -8.43
CA PHE A 184 2.26 -4.15 -8.66
C PHE A 184 2.24 -5.31 -7.73
N SER A 185 2.87 -6.36 -8.22
CA SER A 185 2.98 -7.59 -7.47
C SER A 185 3.51 -7.27 -6.10
N ALA A 186 3.17 -8.14 -5.17
CA ALA A 186 3.62 -8.00 -3.80
C ALA A 186 4.97 -7.32 -3.88
N THR A 187 5.99 -8.13 -4.14
CA THR A 187 7.36 -7.63 -4.24
C THR A 187 7.51 -6.38 -5.08
N MET A 188 7.42 -6.54 -6.40
CA MET A 188 7.54 -5.43 -7.35
C MET A 188 7.60 -4.12 -6.59
N THR A 189 6.51 -3.89 -5.87
CA THR A 189 6.38 -2.72 -5.05
C THR A 189 7.71 -2.50 -4.34
N ILE A 190 8.03 -3.41 -3.42
CA ILE A 190 9.29 -3.38 -2.68
C ILE A 190 10.38 -2.75 -3.51
N ASP A 191 11.05 -3.61 -4.28
CA ASP A 191 12.14 -3.21 -5.16
C ASP A 191 11.98 -1.79 -5.64
N LEU A 192 10.80 -1.45 -6.12
CA LEU A 192 10.55 -0.10 -6.60
C LEU A 192 11.11 0.90 -5.59
N MET A 193 10.78 0.71 -4.32
CA MET A 193 11.28 1.58 -3.27
C MET A 193 12.75 1.20 -3.15
N ASN A 194 12.97 -0.09 -2.95
CA ASN A 194 14.31 -0.65 -2.80
C ASN A 194 15.17 -0.31 -3.98
N ASN A 195 14.62 0.58 -4.80
CA ASN A 195 15.29 1.09 -5.98
C ASN A 195 15.36 2.55 -5.66
N ALA A 196 14.20 3.20 -5.72
CA ALA A 196 14.10 4.61 -5.47
C ALA A 196 14.77 5.00 -4.16
N ILE A 197 15.06 4.01 -3.31
CA ILE A 197 15.75 4.33 -2.09
C ILE A 197 17.17 4.53 -2.55
N ILE A 198 17.57 3.61 -3.43
CA ILE A 198 18.88 3.61 -4.04
C ILE A 198 18.91 4.81 -4.95
N ASP A 199 17.84 4.94 -5.74
CA ASP A 199 17.70 6.04 -6.70
C ASP A 199 17.86 7.39 -6.00
N ASN A 200 18.30 7.35 -4.75
CA ASN A 200 18.57 8.56 -3.99
C ASN A 200 20.05 8.48 -3.76
N TYR A 201 20.45 7.40 -3.10
CA TYR A 201 21.84 7.14 -2.82
C TYR A 201 22.64 7.57 -4.03
N LEU A 202 22.58 6.74 -5.07
CA LEU A 202 23.31 6.98 -6.28
C LEU A 202 23.67 8.44 -6.39
N GLU A 203 22.64 9.25 -6.57
CA GLU A 203 22.77 10.68 -6.68
C GLU A 203 23.58 11.44 -5.65
N ILE A 204 23.50 11.01 -4.40
CA ILE A 204 24.20 11.69 -3.32
C ILE A 204 25.28 10.87 -2.63
N GLY A 205 25.06 9.56 -2.52
CA GLY A 205 26.05 8.71 -1.88
C GLY A 205 27.38 8.75 -2.59
N ARG A 206 27.39 8.33 -3.84
CA ARG A 206 28.64 8.32 -4.61
C ARG A 206 29.35 9.63 -4.35
N GLN A 207 28.72 10.71 -4.78
CA GLN A 207 29.28 12.04 -4.68
C GLN A 207 29.70 12.53 -3.29
N ASN A 208 29.54 11.70 -2.27
CA ASN A 208 29.93 12.14 -0.93
C ASN A 208 30.49 11.03 -0.05
N GLY A 209 31.44 10.30 -0.63
CA GLY A 209 32.11 9.21 0.07
C GLY A 209 31.23 8.15 0.71
N VAL A 210 29.97 8.07 0.32
CA VAL A 210 29.15 7.05 0.91
C VAL A 210 29.31 5.76 0.14
N LEU A 211 29.38 4.67 0.87
CA LEU A 211 29.57 3.37 0.27
C LEU A 211 28.32 2.58 0.18
N GLU A 212 28.18 1.87 -0.93
CA GLU A 212 27.02 1.02 -1.15
C GLU A 212 26.96 0.14 0.07
N SER A 213 28.14 -0.19 0.59
CA SER A 213 28.24 -0.99 1.77
C SER A 213 27.21 -0.41 2.75
N ASP A 214 27.40 0.88 3.09
CA ASP A 214 26.50 1.57 4.02
C ASP A 214 25.24 2.15 3.38
N ILE A 215 24.54 1.35 2.62
CA ILE A 215 23.33 1.88 2.03
C ILE A 215 22.53 2.28 3.26
N GLY A 216 22.21 1.29 4.09
CA GLY A 216 21.48 1.53 5.33
C GLY A 216 19.97 1.42 5.42
N VAL A 217 19.31 1.07 4.33
CA VAL A 217 17.87 0.98 4.34
C VAL A 217 17.48 0.07 3.22
N LYS A 218 17.14 -1.15 3.53
CA LYS A 218 16.79 -2.01 2.45
C LYS A 218 15.62 -2.89 2.79
N PHE A 219 14.45 -2.61 2.20
CA PHE A 219 13.27 -3.43 2.46
C PHE A 219 13.64 -4.77 1.89
N ASP A 220 13.00 -5.81 2.39
CA ASP A 220 13.29 -7.15 1.91
C ASP A 220 12.61 -8.18 2.76
N THR A 221 12.37 -9.33 2.15
CA THR A 221 11.76 -10.45 2.84
C THR A 221 12.89 -11.43 3.03
N ARG A 222 12.83 -12.24 4.09
CA ARG A 222 13.88 -13.21 4.34
C ARG A 222 14.09 -13.39 5.80
N ASN A 223 14.43 -14.59 6.19
CA ASN A 223 14.65 -14.83 7.59
C ASN A 223 16.11 -14.89 7.97
N PHE A 224 16.83 -13.81 7.71
CA PHE A 224 18.25 -13.80 8.07
C PHE A 224 18.24 -14.42 9.46
N ARG A 225 19.12 -15.39 9.70
CA ARG A 225 19.21 -16.05 11.00
C ARG A 225 18.73 -17.47 10.94
N LEU A 226 17.98 -17.80 9.91
CA LEU A 226 17.49 -19.16 9.79
C LEU A 226 18.67 -20.13 9.66
N GLY A 227 19.63 -19.77 8.80
CA GLY A 227 20.81 -20.60 8.59
C GLY A 227 21.76 -20.56 9.77
N TRP A 228 21.28 -19.98 10.85
CA TRP A 228 22.08 -19.86 12.04
C TRP A 228 22.48 -21.23 12.50
N ASP A 229 23.17 -21.20 13.63
CA ASP A 229 23.68 -22.36 14.29
C ASP A 229 23.89 -21.77 15.67
N PRO A 230 23.91 -22.60 16.69
CA PRO A 230 24.12 -22.00 18.00
C PRO A 230 25.57 -21.65 18.19
N GLU A 231 26.39 -22.69 18.17
CA GLU A 231 27.81 -22.58 18.40
C GLU A 231 28.64 -21.57 17.62
N THR A 232 28.60 -21.60 16.30
CA THR A 232 29.36 -20.60 15.57
C THR A 232 28.76 -19.27 15.94
N LYS A 233 27.45 -19.31 16.13
CA LYS A 233 26.68 -18.12 16.43
C LYS A 233 26.66 -17.37 15.12
N LEU A 234 26.68 -18.15 14.03
CA LEU A 234 26.63 -17.65 12.66
C LEU A 234 25.78 -18.45 11.67
N ILE A 235 25.94 -18.13 10.39
CA ILE A 235 25.15 -18.79 9.37
C ILE A 235 25.98 -19.73 8.54
N MET A 236 26.10 -20.92 9.09
CA MET A 236 26.87 -22.01 8.52
C MET A 236 26.91 -22.20 7.02
N PRO A 237 25.85 -21.85 6.31
CA PRO A 237 26.02 -22.10 4.88
C PRO A 237 26.52 -20.88 4.12
N GLY A 238 27.18 -19.99 4.84
CA GLY A 238 27.71 -18.79 4.21
C GLY A 238 26.64 -18.09 3.38
N VAL A 239 25.39 -18.25 3.79
CA VAL A 239 24.29 -17.65 3.05
C VAL A 239 23.03 -17.40 3.85
N TYR A 240 22.51 -16.19 3.75
CA TYR A 240 21.25 -15.92 4.39
C TYR A 240 20.38 -16.70 3.43
N THR A 241 20.19 -17.97 3.76
CA THR A 241 19.41 -18.88 2.94
C THR A 241 18.23 -18.21 2.25
N TYR A 242 18.47 -17.88 0.98
CA TYR A 242 17.53 -17.19 0.10
C TYR A 242 16.09 -17.61 0.12
N GLU A 243 15.35 -17.24 1.16
CA GLU A 243 13.95 -17.62 1.19
C GLU A 243 13.00 -16.51 1.58
N ALA A 244 11.92 -16.41 0.83
CA ALA A 244 10.89 -15.42 1.08
C ALA A 244 10.08 -15.86 2.29
N PHE A 245 9.90 -14.93 3.21
CA PHE A 245 9.15 -15.21 4.41
C PHE A 245 8.10 -14.16 4.66
N HIS A 246 8.47 -12.91 4.45
CA HIS A 246 7.55 -11.82 4.68
C HIS A 246 8.33 -10.53 4.65
N PRO A 247 7.85 -9.52 3.92
CA PRO A 247 8.56 -8.24 3.85
C PRO A 247 9.26 -7.93 5.16
N ASP A 248 10.35 -7.18 5.07
CA ASP A 248 11.11 -6.84 6.26
C ASP A 248 12.00 -5.68 5.90
N ILE A 249 12.28 -4.82 6.86
CA ILE A 249 13.16 -3.71 6.56
C ILE A 249 14.42 -3.77 7.37
N VAL A 250 15.55 -3.78 6.68
CA VAL A 250 16.86 -3.84 7.30
C VAL A 250 17.45 -2.46 7.38
N LEU A 251 18.06 -2.16 8.51
CA LEU A 251 18.66 -0.85 8.70
C LEU A 251 20.12 -0.83 9.11
N LEU A 252 20.71 0.34 8.91
CA LEU A 252 22.08 0.57 9.32
C LEU A 252 22.01 1.53 10.46
N PRO A 253 23.14 2.00 10.93
CA PRO A 253 22.85 2.88 12.04
C PRO A 253 22.46 4.29 11.67
N GLY A 254 21.58 4.86 12.49
CA GLY A 254 21.10 6.21 12.28
C GLY A 254 19.98 6.30 11.27
N CYS A 255 20.11 5.59 10.17
CA CYS A 255 19.10 5.59 9.13
C CYS A 255 17.83 4.96 9.67
N GLY A 256 16.71 5.35 9.09
CA GLY A 256 15.44 4.81 9.55
C GLY A 256 14.38 4.90 8.48
N VAL A 257 13.14 4.75 8.90
CA VAL A 257 12.07 4.79 7.94
C VAL A 257 10.79 5.23 8.66
N ASP A 258 10.13 6.21 8.08
CA ASP A 258 8.89 6.74 8.64
C ASP A 258 7.80 6.49 7.65
N PHE A 259 6.65 6.01 8.09
CA PHE A 259 5.57 5.81 7.14
C PHE A 259 4.48 6.83 7.36
N THR A 260 4.36 7.26 8.59
CA THR A 260 3.38 8.27 8.96
C THR A 260 2.60 8.81 7.77
N GLU A 261 3.31 9.35 6.79
CA GLU A 261 2.68 9.93 5.62
C GLU A 261 2.39 8.93 4.50
N SER A 262 2.24 7.64 4.82
CA SER A 262 1.97 6.65 3.78
C SER A 262 1.34 5.36 4.23
N ARG A 263 0.91 4.57 3.25
CA ARG A 263 0.27 3.29 3.55
C ARG A 263 1.08 2.05 3.22
N LEU A 264 1.93 2.11 2.20
CA LEU A 264 2.73 0.95 1.84
C LEU A 264 2.96 0.11 3.07
N SER A 265 3.11 0.76 4.22
CA SER A 265 3.30 0.07 5.48
C SER A 265 2.39 -1.14 5.51
N ASN A 266 1.09 -0.88 5.46
CA ASN A 266 0.09 -1.93 5.49
C ASN A 266 0.37 -3.01 4.45
N LEU A 267 1.18 -2.65 3.46
CA LEU A 267 1.58 -3.58 2.41
C LEU A 267 2.69 -4.42 2.99
N LEU A 268 3.65 -3.75 3.60
CA LEU A 268 4.77 -4.44 4.20
C LEU A 268 4.30 -5.28 5.34
N GLY A 269 2.99 -5.51 5.40
CA GLY A 269 2.41 -6.33 6.46
C GLY A 269 3.01 -6.06 7.82
N ILE A 270 3.41 -4.81 8.03
CA ILE A 270 4.03 -4.39 9.27
C ILE A 270 3.21 -3.21 9.75
N ARG A 271 2.67 -3.30 10.96
CA ARG A 271 1.88 -2.18 11.42
C ARG A 271 1.95 -1.88 12.89
N LYS A 272 1.86 -0.59 13.19
CA LYS A 272 1.90 -0.04 14.56
C LYS A 272 0.92 -0.83 15.42
N ARG A 273 1.20 -0.96 16.72
CA ARG A 273 0.30 -1.73 17.55
C ARG A 273 -0.79 -0.90 18.22
N HIS A 274 -0.65 0.42 18.15
CA HIS A 274 -1.66 1.32 18.71
C HIS A 274 -2.16 2.22 17.61
N PRO A 275 -2.10 1.74 16.37
CA PRO A 275 -2.52 2.38 15.13
C PRO A 275 -3.30 3.68 15.18
N PHE A 276 -2.97 4.55 16.13
CA PHE A 276 -3.71 5.79 16.19
C PHE A 276 -2.92 6.97 16.74
N GLN A 277 -1.67 7.13 16.33
CA GLN A 277 -0.88 8.24 16.86
C GLN A 277 0.24 8.69 15.93
N GLU A 278 1.47 8.33 16.34
CA GLU A 278 2.73 8.59 15.65
C GLU A 278 4.08 8.70 16.41
N GLY A 279 4.63 7.53 16.73
CA GLY A 279 5.93 7.41 17.36
C GLY A 279 6.52 6.50 16.29
N PHE A 280 5.68 6.35 15.26
CA PHE A 280 5.86 5.52 14.08
C PHE A 280 6.80 5.98 12.99
N LYS A 281 7.99 5.44 13.14
CA LYS A 281 9.13 5.65 12.29
C LYS A 281 9.96 4.50 12.84
N ILE A 282 10.93 4.02 12.08
CA ILE A 282 11.70 2.92 12.59
C ILE A 282 13.18 3.21 12.44
N MET A 283 13.86 3.22 13.59
CA MET A 283 15.28 3.54 13.67
C MET A 283 16.15 2.38 14.03
N TYR A 284 17.40 2.45 13.59
CA TYR A 284 18.33 1.38 13.89
C TYR A 284 17.98 0.99 15.30
N GLU A 285 18.03 1.99 16.16
CA GLU A 285 17.77 1.83 17.57
C GLU A 285 16.65 0.91 18.04
N ASP A 286 15.53 0.90 17.33
CA ASP A 286 14.43 0.09 17.78
C ASP A 286 14.61 -1.38 17.51
N LEU A 287 15.14 -1.70 16.34
CA LEU A 287 15.37 -3.08 16.00
C LEU A 287 16.46 -3.52 16.95
N GLU A 288 16.09 -3.80 18.19
CA GLU A 288 17.10 -4.24 19.12
C GLU A 288 17.26 -5.72 18.81
N GLY A 289 18.35 -6.30 19.25
CA GLY A 289 18.60 -7.73 19.04
C GLY A 289 18.46 -8.28 17.63
N GLY A 290 17.62 -7.64 16.84
CA GLY A 290 17.38 -8.08 15.47
C GLY A 290 18.49 -7.79 14.48
N ASN A 291 19.73 -7.72 14.96
CA ASN A 291 20.83 -7.47 14.04
C ASN A 291 21.02 -8.78 13.30
N ILE A 292 21.46 -8.68 12.05
CA ILE A 292 21.72 -9.84 11.22
C ILE A 292 22.76 -10.63 11.99
N PRO A 293 22.94 -11.92 11.68
CA PRO A 293 23.96 -12.59 12.47
C PRO A 293 25.35 -12.14 12.07
N ALA A 294 25.61 -12.11 10.78
CA ALA A 294 26.92 -11.69 10.27
C ALA A 294 27.28 -12.54 9.07
N LEU A 295 27.16 -13.85 9.24
CA LEU A 295 27.47 -14.81 8.19
C LEU A 295 28.84 -15.39 8.45
N LEU A 296 29.15 -16.50 7.81
CA LEU A 296 30.43 -17.17 8.01
C LEU A 296 31.25 -17.37 6.75
N ASP A 297 32.53 -17.67 6.91
CA ASP A 297 33.40 -17.91 5.76
C ASP A 297 33.40 -19.40 5.45
N VAL A 298 32.95 -19.73 4.26
CA VAL A 298 32.89 -21.11 3.83
C VAL A 298 34.31 -21.59 3.52
N THR A 299 34.78 -21.21 2.34
CA THR A 299 36.09 -21.56 1.84
C THR A 299 37.13 -21.78 2.93
N ALA A 300 37.50 -20.70 3.63
CA ALA A 300 38.49 -20.77 4.71
C ALA A 300 38.20 -21.97 5.59
N TYR A 301 36.97 -22.05 6.07
CA TYR A 301 36.58 -23.17 6.90
C TYR A 301 37.02 -24.46 6.23
N GLU A 302 36.85 -24.51 4.93
CA GLU A 302 37.19 -25.68 4.15
C GLU A 302 38.69 -25.95 4.01
N GLU A 303 39.41 -25.02 3.40
CA GLU A 303 40.86 -25.17 3.24
C GLU A 303 41.46 -25.84 4.47
N SER A 304 41.31 -25.13 5.58
CA SER A 304 41.81 -25.53 6.88
C SER A 304 41.05 -26.76 7.40
N LYS A 305 40.45 -27.51 6.50
CA LYS A 305 39.70 -28.69 6.90
C LYS A 305 40.65 -29.85 7.13
N LYS A 306 41.96 -29.62 6.95
CA LYS A 306 42.92 -30.72 7.11
C LYS A 306 44.25 -30.50 7.81
N ASP A 307 45.19 -29.81 7.14
CA ASP A 307 46.52 -29.61 7.71
C ASP A 307 46.77 -28.20 8.27
N THR A 308 46.17 -27.17 7.66
CA THR A 308 46.34 -25.82 8.21
C THR A 308 45.84 -26.05 9.65
N THR A 309 45.30 -27.25 9.80
CA THR A 309 44.77 -27.75 11.07
C THR A 309 45.52 -28.88 11.77
N THR A 310 46.82 -29.06 11.54
CA THR A 310 47.51 -30.11 12.30
C THR A 310 48.84 -29.44 12.62
N GLU A 311 49.01 -28.24 12.06
CA GLU A 311 50.21 -27.42 12.24
C GLU A 311 49.99 -26.48 13.42
N THR A 312 48.75 -26.41 13.91
CA THR A 312 48.48 -25.53 15.04
C THR A 312 48.27 -26.29 16.37
N THR A 313 48.18 -27.63 16.29
CA THR A 313 48.04 -28.49 17.50
C THR A 313 49.49 -28.80 17.85
N THR A 314 50.35 -28.74 16.82
CA THR A 314 51.77 -29.03 16.91
C THR A 314 52.64 -27.77 16.84
N LYS A 315 43.39 -30.42 13.54
CA LYS A 315 42.60 -29.51 14.35
C LYS A 315 41.31 -29.04 13.70
N LYS A 316 40.67 -28.08 14.35
CA LYS A 316 39.36 -27.62 13.94
C LYS A 316 39.04 -26.12 13.94
N GLU A 317 39.97 -25.28 14.42
CA GLU A 317 39.75 -23.82 14.49
C GLU A 317 39.11 -23.26 13.22
N LEU A 318 39.80 -23.47 12.11
CA LEU A 318 39.40 -23.11 10.76
C LEU A 318 38.03 -22.50 10.42
N LYS A 319 37.73 -21.25 10.76
CA LYS A 319 36.42 -20.69 10.39
C LYS A 319 35.82 -19.65 11.28
N ILE A 320 36.20 -19.66 12.55
CA ILE A 320 35.68 -18.67 13.48
C ILE A 320 35.54 -17.40 12.64
N GLN A 321 36.44 -17.28 11.67
CA GLN A 321 36.46 -16.13 10.78
C GLN A 321 35.13 -15.98 10.05
N PRO A 322 34.32 -15.05 10.51
CA PRO A 322 33.03 -14.85 9.87
C PRO A 322 33.36 -13.97 8.70
N LEU A 323 32.97 -14.42 7.51
CA LEU A 323 33.22 -13.64 6.33
C LEU A 323 33.15 -12.17 6.72
N GLU A 324 34.05 -11.37 6.18
CA GLU A 324 34.10 -9.96 6.51
C GLU A 324 33.41 -9.08 5.45
N LYS A 325 33.81 -9.27 4.20
CA LYS A 325 33.25 -8.49 3.11
C LYS A 325 33.05 -9.41 1.93
N ASP A 326 32.11 -9.06 1.06
CA ASP A 326 31.87 -9.90 -0.10
C ASP A 326 32.95 -9.72 -1.15
N SER A 327 32.99 -10.66 -2.09
CA SER A 327 33.94 -10.69 -3.20
C SER A 327 34.21 -9.34 -3.84
N LYS A 328 33.16 -8.70 -4.34
CA LYS A 328 33.36 -7.41 -4.97
C LYS A 328 33.96 -6.45 -3.95
N SER A 329 34.25 -6.99 -2.76
CA SER A 329 34.87 -6.27 -1.63
C SER A 329 33.97 -5.30 -0.88
N ARG A 330 32.68 -5.47 -1.05
CA ARG A 330 31.72 -4.62 -0.39
C ARG A 330 31.77 -5.08 1.06
N SER A 331 31.79 -4.14 2.00
CA SER A 331 31.88 -4.53 3.40
C SER A 331 30.59 -5.04 4.03
N TYR A 332 30.75 -5.89 5.04
CA TYR A 332 29.61 -6.43 5.74
C TYR A 332 29.56 -5.79 7.09
N ASN A 333 30.32 -4.73 7.23
CA ASN A 333 30.39 -3.97 8.47
C ASN A 333 30.14 -4.92 9.62
N VAL A 334 30.79 -6.07 9.57
CA VAL A 334 30.60 -7.06 10.61
C VAL A 334 30.39 -6.52 12.00
N LEU A 335 31.44 -5.94 12.57
CA LEU A 335 31.46 -5.38 13.92
C LEU A 335 32.60 -6.08 14.62
N GLU A 336 32.69 -5.87 15.93
CA GLU A 336 33.73 -6.55 16.70
C GLU A 336 33.12 -7.91 16.89
N ASP A 337 33.56 -8.64 17.90
CA ASP A 337 33.02 -9.95 18.22
C ASP A 337 32.88 -10.92 17.04
N LYS A 338 32.67 -10.38 15.85
CA LYS A 338 32.54 -11.20 14.67
C LYS A 338 31.46 -12.26 14.74
N ILE A 339 30.22 -11.85 14.96
CA ILE A 339 29.13 -12.80 14.98
C ILE A 339 27.90 -12.00 14.78
N ASN A 340 28.09 -10.72 14.55
CA ASN A 340 26.95 -9.84 14.39
C ASN A 340 27.26 -8.66 13.50
N THR A 341 26.67 -8.65 12.32
CA THR A 341 26.85 -7.53 11.42
C THR A 341 25.86 -6.47 11.83
N ALA A 342 26.32 -5.24 11.99
CA ALA A 342 25.41 -4.17 12.37
C ALA A 342 24.44 -3.90 11.24
N TYR A 343 23.63 -4.90 10.93
CA TYR A 343 22.62 -4.78 9.91
C TYR A 343 21.41 -5.29 10.64
N ARG A 344 20.56 -4.36 11.10
CA ARG A 344 19.39 -4.78 11.84
C ARG A 344 18.14 -4.93 10.99
N SER A 345 17.36 -5.94 11.34
CA SER A 345 16.16 -6.20 10.59
C SER A 345 14.90 -6.48 11.36
N TRP A 346 13.91 -5.69 10.99
CA TRP A 346 12.60 -5.76 11.55
C TRP A 346 12.26 -7.16 12.02
N TYR A 347 12.12 -8.06 11.06
CA TYR A 347 11.73 -9.41 11.37
C TYR A 347 12.35 -9.91 12.65
N LEU A 348 13.59 -10.34 12.51
CA LEU A 348 14.35 -10.88 13.61
C LEU A 348 13.94 -10.26 14.93
N SER A 349 14.34 -9.02 15.16
CA SER A 349 13.98 -8.33 16.37
C SER A 349 12.64 -8.81 16.91
N TYR A 350 11.57 -8.39 16.25
CA TYR A 350 10.22 -8.77 16.63
C TYR A 350 10.14 -10.24 16.89
N ASN A 351 10.05 -10.99 15.80
CA ASN A 351 9.90 -12.42 15.89
C ASN A 351 10.97 -13.10 16.71
N TYR A 352 12.22 -12.97 16.30
CA TYR A 352 13.29 -13.64 17.00
C TYR A 352 13.81 -13.15 18.35
N GLY A 353 14.06 -11.86 18.53
CA GLY A 353 14.66 -11.47 19.79
C GLY A 353 14.18 -10.70 21.01
N ASN A 354 13.24 -9.75 20.90
CA ASN A 354 12.92 -8.92 22.09
C ASN A 354 11.74 -9.00 23.03
N PRO A 355 11.43 -10.19 23.52
CA PRO A 355 10.30 -10.28 24.42
C PRO A 355 9.27 -9.18 24.33
N GLU A 356 9.42 -8.22 25.23
CA GLU A 356 8.49 -7.12 25.38
C GLU A 356 9.22 -5.80 25.49
N LYS A 357 10.27 -5.63 24.69
CA LYS A 357 11.02 -4.39 24.80
C LYS A 357 11.71 -4.04 23.50
N GLY A 358 11.37 -4.77 22.45
CA GLY A 358 12.00 -4.55 21.18
C GLY A 358 11.14 -3.95 20.09
N ILE A 359 9.93 -4.46 19.93
CA ILE A 359 9.03 -3.95 18.92
C ILE A 359 7.89 -4.91 18.76
N ARG A 360 8.02 -6.12 19.28
CA ARG A 360 6.92 -7.05 19.14
C ARG A 360 5.77 -6.37 19.83
N SER A 361 6.12 -5.44 20.72
CA SER A 361 5.16 -4.66 21.47
C SER A 361 4.91 -3.34 20.76
N TRP A 362 5.98 -2.68 20.35
CA TRP A 362 5.89 -1.40 19.67
C TRP A 362 5.03 -1.51 18.42
N THR A 363 4.88 -2.72 17.91
CA THR A 363 4.10 -2.94 16.69
C THR A 363 3.65 -4.38 16.58
N LEU A 364 3.15 -4.76 15.41
CA LEU A 364 2.69 -6.13 15.20
C LEU A 364 2.88 -6.64 13.78
N LEU A 365 3.14 -7.94 13.69
CA LEU A 365 3.34 -8.62 12.41
C LEU A 365 2.04 -9.02 11.76
N THR A 366 1.80 -8.50 10.56
CA THR A 366 0.59 -8.81 9.84
C THR A 366 0.89 -9.24 8.43
N THR A 367 -0.15 -9.62 7.69
CA THR A 367 0.06 -10.08 6.32
C THR A 367 0.12 -8.98 5.28
N SER A 368 0.60 -9.38 4.10
CA SER A 368 0.79 -8.50 2.96
C SER A 368 -0.48 -8.08 2.20
N ASP A 369 -0.81 -6.80 2.27
CA ASP A 369 -2.00 -6.33 1.58
C ASP A 369 -1.61 -5.51 0.35
N VAL A 370 -1.91 -6.01 -0.82
CA VAL A 370 -1.55 -5.27 -2.00
C VAL A 370 -2.53 -4.15 -2.07
N THR A 371 -3.74 -4.43 -1.63
CA THR A 371 -4.75 -3.40 -1.62
C THR A 371 -4.07 -2.36 -0.77
N CYS A 372 -3.28 -2.86 0.18
CA CYS A 372 -2.56 -2.02 1.11
C CYS A 372 -3.56 -0.96 1.51
N GLY A 373 -4.43 -1.29 2.46
CA GLY A 373 -5.42 -0.33 2.88
C GLY A 373 -6.79 -0.55 2.25
N ALA A 374 -7.54 -1.52 2.75
CA ALA A 374 -8.87 -1.74 2.22
C ALA A 374 -9.60 -0.56 2.82
N GLU A 375 -10.06 0.33 1.97
CA GLU A 375 -10.74 1.53 2.42
C GLU A 375 -12.22 1.44 2.13
N GLN A 376 -12.99 2.28 2.79
CA GLN A 376 -14.41 2.29 2.53
C GLN A 376 -14.64 3.58 1.81
N VAL A 377 -15.85 3.76 1.34
CA VAL A 377 -16.21 4.97 0.65
C VAL A 377 -17.67 5.16 0.92
N TYR A 378 -18.06 6.42 1.13
CA TYR A 378 -19.44 6.76 1.44
C TYR A 378 -20.17 7.21 0.19
N TRP A 379 -21.31 6.58 -0.07
CA TRP A 379 -22.12 6.91 -1.22
C TRP A 379 -23.08 7.94 -0.74
N SER A 380 -23.34 8.94 -1.57
CA SER A 380 -24.27 9.93 -1.14
C SER A 380 -24.79 10.73 -2.28
N LEU A 381 -26.04 10.46 -2.64
CA LEU A 381 -26.75 11.21 -3.66
C LEU A 381 -27.51 12.02 -2.65
N PRO A 382 -28.06 13.17 -3.03
CA PRO A 382 -28.63 13.59 -1.76
C PRO A 382 -29.76 14.53 -1.91
N ASP A 383 -30.20 14.71 -3.14
CA ASP A 383 -31.30 15.64 -3.35
C ASP A 383 -32.49 14.73 -3.50
N MET A 384 -32.35 13.54 -2.94
CA MET A 384 -33.37 12.52 -2.98
C MET A 384 -33.77 12.02 -1.62
N MET A 385 -32.78 11.63 -0.85
CA MET A 385 -33.02 11.10 0.47
C MET A 385 -33.14 12.19 1.46
N GLN A 386 -34.07 12.02 2.38
CA GLN A 386 -34.31 13.01 3.40
C GLN A 386 -33.09 13.18 4.28
N ASP A 387 -32.00 12.54 3.91
CA ASP A 387 -30.78 12.65 4.68
C ASP A 387 -30.96 11.93 5.96
N PRO A 388 -30.07 11.00 6.23
CA PRO A 388 -30.20 10.26 7.46
C PRO A 388 -30.16 11.21 8.63
N VAL A 389 -30.35 10.61 9.80
CA VAL A 389 -30.34 11.31 11.04
C VAL A 389 -29.07 12.11 11.15
N THR A 390 -29.06 13.01 12.10
CA THR A 390 -27.91 13.84 12.39
C THR A 390 -27.15 14.55 11.30
N PHE A 391 -27.27 14.18 10.03
CA PHE A 391 -26.50 14.97 9.07
C PHE A 391 -27.25 16.28 8.91
N ARG A 392 -26.50 17.34 8.68
CA ARG A 392 -27.08 18.65 8.48
C ARG A 392 -27.24 18.77 6.97
N SER A 393 -28.20 19.55 6.49
CA SER A 393 -28.30 19.63 5.06
C SER A 393 -27.28 20.67 4.65
N THR A 394 -26.82 20.59 3.41
CA THR A 394 -25.81 21.50 2.87
C THR A 394 -25.64 21.25 1.39
N ARG A 395 -24.68 21.94 0.79
CA ARG A 395 -24.38 21.70 -0.60
C ARG A 395 -22.92 21.97 -0.81
N GLN A 396 -22.16 21.42 0.14
CA GLN A 396 -20.70 21.47 0.15
C GLN A 396 -20.27 20.06 -0.18
N VAL A 397 -20.04 19.82 -1.45
CA VAL A 397 -19.64 18.52 -1.95
C VAL A 397 -19.03 17.55 -0.95
N ASN A 398 -18.16 18.03 -0.07
CA ASN A 398 -17.54 17.11 0.87
C ASN A 398 -18.49 16.48 1.92
N ASN A 399 -19.34 17.27 2.58
CA ASN A 399 -20.27 16.70 3.57
C ASN A 399 -21.21 15.74 2.88
N TYR A 400 -22.23 16.35 2.33
CA TYR A 400 -23.22 15.65 1.55
C TYR A 400 -24.08 14.57 2.12
N PRO A 401 -24.28 14.54 3.43
CA PRO A 401 -25.14 13.46 3.89
C PRO A 401 -25.06 12.13 3.18
N VAL A 402 -24.50 11.15 3.86
CA VAL A 402 -24.35 9.84 3.27
C VAL A 402 -25.57 8.98 3.23
N VAL A 403 -25.83 8.45 2.06
CA VAL A 403 -27.00 7.62 1.95
C VAL A 403 -26.64 6.22 2.28
N GLY A 404 -25.43 5.83 1.93
CA GLY A 404 -25.02 4.47 2.20
C GLY A 404 -23.54 4.31 1.97
N ALA A 405 -22.94 3.29 2.57
CA ALA A 405 -21.53 3.09 2.38
C ALA A 405 -21.15 1.65 2.43
N GLU A 406 -20.18 1.32 1.60
CA GLU A 406 -19.62 -0.01 1.50
C GLU A 406 -18.19 0.34 1.17
N LEU A 407 -17.31 -0.64 1.25
CA LEU A 407 -15.92 -0.38 0.96
C LEU A 407 -15.56 -0.57 -0.50
N MET A 408 -14.37 -0.07 -0.83
CA MET A 408 -13.81 -0.05 -2.18
C MET A 408 -13.96 -1.28 -3.01
N PRO A 409 -14.04 -1.11 -4.30
CA PRO A 409 -14.20 -2.33 -5.10
C PRO A 409 -12.78 -2.83 -5.29
N VAL A 410 -11.89 -2.49 -4.36
CA VAL A 410 -10.49 -2.90 -4.47
C VAL A 410 -10.11 -4.03 -3.56
N PHE A 411 -10.06 -5.25 -4.08
CA PHE A 411 -9.68 -6.39 -3.26
C PHE A 411 -8.41 -7.04 -3.79
N SER A 412 -8.02 -8.16 -3.20
CA SER A 412 -6.80 -8.84 -3.61
C SER A 412 -6.90 -10.30 -3.99
N LYS A 413 -6.21 -10.66 -5.05
CA LYS A 413 -6.20 -12.03 -5.52
C LYS A 413 -4.79 -12.50 -5.26
N SER A 414 -4.60 -13.81 -5.33
CA SER A 414 -3.30 -14.36 -5.05
C SER A 414 -3.03 -15.57 -5.92
N PHE A 415 -1.75 -15.75 -6.26
CA PHE A 415 -1.33 -16.85 -7.09
C PHE A 415 0.04 -17.30 -6.63
N TYR A 416 0.43 -18.46 -7.10
CA TYR A 416 1.70 -19.08 -6.75
C TYR A 416 2.79 -18.84 -7.79
N ASN A 417 3.68 -17.91 -7.45
CA ASN A 417 4.80 -17.50 -8.30
C ASN A 417 5.64 -18.74 -8.54
N GLU A 418 5.64 -19.21 -9.78
CA GLU A 418 6.40 -20.39 -10.15
C GLU A 418 7.86 -19.99 -10.35
N GLN A 419 8.05 -18.72 -10.67
CA GLN A 419 9.37 -18.14 -10.88
C GLN A 419 10.11 -18.20 -9.55
N ALA A 420 9.68 -19.12 -8.69
CA ALA A 420 10.25 -19.32 -7.36
C ALA A 420 11.76 -19.54 -7.37
N VAL A 421 12.17 -20.72 -7.83
CA VAL A 421 13.58 -21.09 -7.89
C VAL A 421 14.32 -20.64 -9.16
N TYR A 422 13.65 -20.71 -10.32
CA TYR A 422 14.24 -20.32 -11.60
C TYR A 422 15.39 -19.30 -11.56
N SER A 423 15.16 -18.17 -10.86
CA SER A 423 16.14 -17.08 -10.76
C SER A 423 17.42 -17.50 -10.04
N GLN A 424 17.28 -18.45 -9.12
CA GLN A 424 18.39 -19.00 -8.35
C GLN A 424 19.40 -19.64 -9.32
N GLN A 425 18.90 -20.02 -10.49
CA GLN A 425 19.69 -20.70 -11.52
C GLN A 425 20.06 -19.86 -12.76
N LEU A 426 19.74 -18.57 -12.75
CA LEU A 426 20.06 -17.69 -13.88
C LEU A 426 21.21 -16.74 -13.57
N ARG A 427 21.24 -16.25 -12.34
CA ARG A 427 22.30 -15.35 -11.86
C ARG A 427 23.40 -16.27 -11.30
N GLN A 428 23.14 -17.57 -11.36
CA GLN A 428 24.06 -18.63 -10.91
C GLN A 428 24.77 -19.19 -12.16
N ALA A 429 24.22 -18.84 -13.32
CA ALA A 429 24.76 -19.24 -14.63
C ALA A 429 25.54 -18.03 -15.19
N THR A 430 25.49 -16.94 -14.42
CA THR A 430 26.14 -15.66 -14.72
C THR A 430 25.60 -14.93 -15.96
N SER A 431 24.76 -13.92 -15.72
CA SER A 431 24.18 -13.13 -16.82
C SER A 431 23.77 -11.71 -16.40
N LEU A 432 23.30 -10.93 -17.38
CA LEU A 432 22.89 -9.54 -17.20
C LEU A 432 22.19 -9.15 -15.89
N THR A 433 22.33 -7.88 -15.53
CA THR A 433 21.75 -7.34 -14.31
C THR A 433 20.63 -6.33 -14.52
N HIS A 434 19.55 -6.54 -13.79
CA HIS A 434 18.40 -5.64 -13.84
C HIS A 434 18.66 -4.59 -12.81
N VAL A 435 18.12 -3.41 -13.06
CA VAL A 435 18.27 -2.30 -12.15
C VAL A 435 17.80 -2.76 -10.77
N PHE A 436 17.16 -3.92 -10.76
CA PHE A 436 16.62 -4.50 -9.54
C PHE A 436 17.65 -5.24 -8.68
N ASN A 437 18.68 -5.77 -9.33
CA ASN A 437 19.67 -6.55 -8.60
C ASN A 437 21.09 -6.04 -8.82
N ARG A 438 21.32 -4.77 -8.53
CA ARG A 438 22.65 -4.22 -8.74
C ARG A 438 23.68 -4.84 -7.82
N PHE A 439 23.23 -5.68 -6.90
CA PHE A 439 24.19 -6.26 -5.99
C PHE A 439 24.03 -7.75 -5.88
N PRO A 440 24.25 -8.45 -7.00
CA PRO A 440 24.15 -9.90 -7.18
C PRO A 440 25.13 -10.71 -6.33
N GLU A 441 25.71 -10.09 -5.32
CA GLU A 441 26.65 -10.80 -4.49
C GLU A 441 26.55 -10.43 -3.03
N ASN A 442 26.26 -9.17 -2.75
CA ASN A 442 26.13 -8.75 -1.36
C ASN A 442 24.87 -9.27 -0.76
N GLN A 443 24.94 -10.53 -0.37
CA GLN A 443 23.82 -11.23 0.26
C GLN A 443 22.80 -10.25 0.74
N ILE A 444 23.30 -9.25 1.44
CA ILE A 444 22.45 -8.23 1.97
C ILE A 444 21.68 -7.47 0.90
N LEU A 445 22.39 -6.81 0.00
CA LEU A 445 21.75 -6.00 -1.03
C LEU A 445 21.14 -6.74 -2.21
N ILE A 446 20.79 -8.00 -2.06
CA ILE A 446 20.25 -8.69 -3.21
C ILE A 446 18.77 -8.72 -3.40
N ARG A 447 18.32 -8.16 -4.52
CA ARG A 447 16.89 -8.14 -4.87
C ARG A 447 16.21 -9.25 -4.11
N PRO A 448 15.65 -8.92 -2.94
CA PRO A 448 14.97 -9.86 -2.06
C PRO A 448 14.36 -11.04 -2.78
N PRO A 449 14.28 -12.18 -2.09
CA PRO A 449 13.69 -13.33 -2.74
C PRO A 449 12.30 -12.92 -3.12
N ALA A 450 11.73 -13.63 -4.09
CA ALA A 450 10.36 -13.38 -4.52
C ALA A 450 9.53 -14.26 -3.58
N PRO A 451 8.27 -13.91 -3.31
CA PRO A 451 7.59 -14.83 -2.40
C PRO A 451 6.96 -15.98 -3.15
N THR A 452 6.62 -17.03 -2.41
CA THR A 452 6.00 -18.22 -2.98
C THR A 452 4.71 -17.80 -3.62
N ILE A 453 4.04 -16.88 -2.93
CA ILE A 453 2.75 -16.37 -3.33
C ILE A 453 2.77 -14.88 -3.67
N THR A 454 2.36 -14.53 -4.87
CA THR A 454 2.31 -13.13 -5.26
C THR A 454 0.90 -12.70 -5.01
N THR A 455 0.73 -11.40 -4.84
CA THR A 455 -0.57 -10.86 -4.57
C THR A 455 -0.83 -9.73 -5.54
N VAL A 456 -2.08 -9.54 -5.93
CA VAL A 456 -2.34 -8.47 -6.86
C VAL A 456 -3.57 -7.64 -6.62
N SER A 457 -3.33 -6.34 -6.42
CA SER A 457 -4.42 -5.43 -6.19
C SER A 457 -5.21 -5.51 -7.46
N GLU A 458 -6.48 -5.81 -7.32
CA GLU A 458 -7.31 -5.86 -8.48
C GLU A 458 -8.67 -5.44 -8.04
N ASN A 459 -9.33 -4.63 -8.85
CA ASN A 459 -10.66 -4.26 -8.47
C ASN A 459 -11.66 -4.98 -9.34
N VAL A 460 -12.76 -5.28 -8.68
CA VAL A 460 -13.88 -5.99 -9.24
C VAL A 460 -14.99 -4.96 -9.18
N PRO A 461 -16.15 -5.30 -9.71
CA PRO A 461 -17.17 -4.27 -9.59
C PRO A 461 -17.97 -4.78 -8.42
N ALA A 462 -18.71 -3.90 -7.78
CA ALA A 462 -19.50 -4.30 -6.63
C ALA A 462 -20.94 -3.86 -6.76
N LEU A 463 -21.83 -4.81 -6.48
CA LEU A 463 -23.26 -4.56 -6.53
C LEU A 463 -23.68 -4.63 -5.10
N THR A 464 -24.31 -3.57 -4.64
CA THR A 464 -24.72 -3.56 -3.27
C THR A 464 -26.03 -2.88 -3.04
N ASP A 465 -26.66 -3.36 -1.99
CA ASP A 465 -27.93 -2.89 -1.49
C ASP A 465 -27.52 -2.13 -0.22
N HIS A 466 -28.05 -0.92 -0.02
CA HIS A 466 -27.68 -0.16 1.17
C HIS A 466 -28.78 -0.13 2.21
N GLY A 467 -29.95 -0.57 1.79
CA GLY A 467 -31.09 -0.58 2.68
C GLY A 467 -32.17 0.21 2.01
N THR A 468 -33.10 0.72 2.82
CA THR A 468 -34.18 1.51 2.30
C THR A 468 -34.18 2.79 3.07
N LEU A 469 -34.42 3.90 2.38
CA LEU A 469 -34.40 5.17 3.05
C LEU A 469 -35.52 6.09 2.79
N PRO A 470 -35.73 7.03 3.70
CA PRO A 470 -36.80 8.02 3.58
C PRO A 470 -36.30 9.07 2.61
N LEU A 471 -37.15 9.43 1.66
CA LEU A 471 -36.79 10.42 0.64
C LEU A 471 -37.79 11.56 0.59
N ARG A 472 -37.32 12.73 0.15
CA ARG A 472 -38.21 13.89 0.05
C ARG A 472 -39.38 13.43 -0.79
N SER A 473 -40.41 14.25 -0.83
CA SER A 473 -41.60 13.87 -1.58
C SER A 473 -41.64 14.53 -2.93
N SER A 474 -40.50 15.05 -3.37
CA SER A 474 -40.44 15.73 -4.66
C SER A 474 -39.02 15.69 -5.18
N ILE A 475 -38.83 15.15 -6.37
CA ILE A 475 -37.49 15.10 -6.86
C ILE A 475 -37.30 15.91 -8.12
N ARG A 476 -36.23 16.68 -8.13
CA ARG A 476 -35.96 17.48 -9.29
C ARG A 476 -35.49 16.55 -10.38
N GLY A 477 -36.03 16.75 -11.58
CA GLY A 477 -35.66 15.92 -12.72
C GLY A 477 -34.19 15.60 -12.81
N VAL A 478 -33.38 16.31 -12.06
CA VAL A 478 -31.96 16.07 -12.10
C VAL A 478 -31.35 15.83 -10.74
N GLN A 479 -31.25 14.57 -10.37
CA GLN A 479 -30.63 14.26 -9.11
C GLN A 479 -29.16 14.21 -9.39
N ARG A 480 -28.37 14.56 -8.39
CA ARG A 480 -26.94 14.55 -8.54
C ARG A 480 -26.46 13.51 -7.56
N VAL A 481 -25.53 12.67 -7.98
CA VAL A 481 -25.03 11.66 -7.07
C VAL A 481 -23.57 11.89 -6.85
N THR A 482 -23.08 11.41 -5.72
CA THR A 482 -21.70 11.59 -5.34
C THR A 482 -21.12 10.53 -4.43
N VAL A 483 -20.03 9.94 -4.88
CA VAL A 483 -19.34 8.95 -4.11
C VAL A 483 -18.20 9.66 -3.43
N THR A 484 -18.23 9.60 -2.11
CA THR A 484 -17.25 10.26 -1.28
C THR A 484 -16.28 9.25 -0.70
N ASP A 485 -15.01 9.63 -0.54
CA ASP A 485 -14.05 8.71 0.07
C ASP A 485 -13.82 9.10 1.52
N ALA A 486 -13.76 8.09 2.38
CA ALA A 486 -13.57 8.22 3.84
C ALA A 486 -13.05 9.55 4.39
N ARG A 487 -12.23 10.23 3.60
CA ARG A 487 -11.67 11.52 3.98
C ARG A 487 -12.53 12.43 3.14
N ARG A 488 -13.77 11.97 3.00
CA ARG A 488 -14.81 12.59 2.21
C ARG A 488 -14.29 13.50 1.11
N ARG A 489 -14.12 12.89 -0.06
CA ARG A 489 -13.70 13.61 -1.24
C ARG A 489 -13.95 12.76 -2.45
N THR A 490 -13.69 13.36 -3.59
CA THR A 490 -13.88 12.73 -4.85
C THR A 490 -12.83 11.68 -5.10
N CYS A 491 -13.24 10.49 -5.48
CA CYS A 491 -12.25 9.47 -5.81
C CYS A 491 -12.39 9.35 -7.30
N PRO A 492 -11.32 9.60 -8.04
CA PRO A 492 -11.50 9.50 -9.50
C PRO A 492 -11.18 8.17 -10.16
N TYR A 493 -10.85 7.16 -9.37
CA TYR A 493 -10.53 5.86 -9.95
C TYR A 493 -11.86 5.17 -10.14
N VAL A 494 -12.90 5.95 -9.88
CA VAL A 494 -14.27 5.51 -10.01
C VAL A 494 -14.63 5.50 -11.48
N TYR A 495 -14.95 4.29 -11.92
CA TYR A 495 -15.27 3.93 -13.28
C TYR A 495 -16.60 4.35 -13.86
N LYS A 496 -17.62 3.64 -13.43
CA LYS A 496 -18.99 3.86 -13.84
C LYS A 496 -19.74 3.43 -12.62
N ALA A 497 -20.78 4.17 -12.27
CA ALA A 497 -21.51 3.82 -11.09
C ALA A 497 -22.97 4.09 -11.26
N LEU A 498 -23.72 3.01 -11.41
CA LEU A 498 -25.15 3.08 -11.58
C LEU A 498 -25.92 2.70 -10.38
N GLY A 499 -26.59 3.69 -9.84
CA GLY A 499 -27.41 3.43 -8.69
C GLY A 499 -28.81 3.51 -9.19
N ILE A 500 -29.67 2.65 -8.64
CA ILE A 500 -31.06 2.64 -8.98
C ILE A 500 -31.73 2.49 -7.65
N VAL A 501 -32.96 2.95 -7.54
CA VAL A 501 -33.65 2.85 -6.29
C VAL A 501 -35.12 2.91 -6.50
N ALA A 502 -35.78 1.98 -5.83
CA ALA A 502 -37.21 1.86 -5.92
C ALA A 502 -37.86 2.43 -4.69
N PRO A 503 -38.65 3.48 -4.88
CA PRO A 503 -39.31 4.07 -3.74
C PRO A 503 -40.25 3.00 -3.32
N ARG A 504 -40.91 3.25 -2.22
CA ARG A 504 -41.85 2.33 -1.66
C ARG A 504 -42.50 3.09 -0.54
N VAL A 505 -43.67 2.65 -0.12
CA VAL A 505 -44.39 3.34 0.92
C VAL A 505 -44.12 2.88 2.34
N LEU A 506 -44.46 3.74 3.29
CA LEU A 506 -44.33 3.46 4.71
C LEU A 506 -45.04 4.57 5.46
N SER A 507 -45.42 4.29 6.70
CA SER A 507 -46.10 5.27 7.55
C SER A 507 -47.48 5.76 7.12
N SER A 508 -47.62 7.08 7.04
CA SER A 508 -48.84 7.80 6.67
C SER A 508 -48.98 9.00 7.62
N ARG A 509 -49.65 10.05 7.16
CA ARG A 509 -49.86 11.27 7.95
C ARG A 509 -51.14 11.19 8.78
CA CA B . 1.35 -22.80 -13.69
#